data_2VXY
#
_entry.id   2VXY
#
_cell.length_a   87.170
_cell.length_b   87.170
_cell.length_c   89.460
_cell.angle_alpha   90.00
_cell.angle_beta   90.00
_cell.angle_gamma   120.00
#
_symmetry.space_group_name_H-M   'P 32 2 1'
#
loop_
_entity.id
_entity.type
_entity.pdbx_description
1 polymer 'CELL DIVISION PROTEIN FTSZ'
2 non-polymer 'CITRIC ACID'
3 non-polymer 'POTASSIUM ION'
4 water water
#
_entity_poly.entity_id   1
_entity_poly.type   'polypeptide(L)'
_entity_poly.pdbx_seq_one_letter_code
;MLEFETNIDGLASIKVIGVGGGGNNAVNRMIENEVQGVEYIAVNTDAQALNLSKAEVKMQIGAKLTRGLGAGANPEVGKK
AAEESKEQIEEALKGADMVFVTAGMGGGTGTGAAPVIAQIAKDLGALTVGVVTRPFTFEGRKRQLQAAGGISAMKEAVDT
LIVIPNDRILEIVDKNTPMLEAFREADNVLRQGVQGISDLIATPGLINLDFADVKTIMSNKGSALMGIGIATGENRAAEA
AKKAISSPLLEAAIDGAQGVLMNITGGTNLSLYEVQEAADIVASASDQDVNMIFGSVINENLKDEIVVTVIATGFIEQEK
DVTKPQRPSLNQSIKTHNQSVPKRDAKREEPQQQNTVSRHTSQPADDTLDIPTFLRNRNKRG
;
_entity_poly.pdbx_strand_id   A
#
loop_
_chem_comp.id
_chem_comp.type
_chem_comp.name
_chem_comp.formula
CIT non-polymer 'CITRIC ACID' 'C6 H8 O7'
K non-polymer 'POTASSIUM ION' 'K 1'
#
# COMPACT_ATOMS: atom_id res chain seq x y z
N LEU A 11 6.82 12.44 15.73
CA LEU A 11 6.46 11.65 14.52
C LEU A 11 5.04 11.08 14.65
N ALA A 12 4.38 10.88 13.51
CA ALA A 12 3.00 10.38 13.51
C ALA A 12 2.90 8.96 14.08
N SER A 13 1.77 8.67 14.73
CA SER A 13 1.44 7.31 15.20
C SER A 13 0.66 6.51 14.14
N ILE A 14 1.25 5.44 13.65
CA ILE A 14 0.80 4.83 12.42
C ILE A 14 0.57 3.37 12.67
N LYS A 15 -0.60 2.91 12.25
CA LYS A 15 -0.91 1.48 12.31
C LYS A 15 -0.98 0.98 10.87
N VAL A 16 -0.46 -0.24 10.64
CA VAL A 16 -0.61 -0.88 9.32
C VAL A 16 -1.44 -2.13 9.59
N ILE A 17 -2.61 -2.21 8.94
CA ILE A 17 -3.57 -3.28 9.20
C ILE A 17 -3.58 -4.19 7.98
N GLY A 18 -3.23 -5.46 8.17
CA GLY A 18 -3.25 -6.41 7.05
C GLY A 18 -4.59 -7.13 7.16
N VAL A 19 -5.42 -7.06 6.12
CA VAL A 19 -6.74 -7.66 6.22
C VAL A 19 -6.82 -8.86 5.26
N GLY A 20 -7.16 -10.02 5.80
CA GLY A 20 -7.33 -11.20 4.93
C GLY A 20 -5.98 -11.70 4.40
N GLY A 21 -6.03 -12.59 3.40
CA GLY A 21 -4.79 -13.21 2.92
C GLY A 21 -3.81 -12.25 2.25
N GLY A 22 -4.31 -11.37 1.40
CA GLY A 22 -3.38 -10.44 0.71
C GLY A 22 -2.72 -9.50 1.71
N GLY A 23 -3.49 -8.99 2.66
CA GLY A 23 -2.92 -8.13 3.73
C GLY A 23 -1.95 -8.89 4.64
N ASN A 24 -2.24 -10.15 4.93
CA ASN A 24 -1.37 -10.99 5.78
C ASN A 24 0.03 -11.05 5.16
N ASN A 25 0.06 -11.33 3.87
CA ASN A 25 1.34 -11.53 3.22
C ASN A 25 2.09 -10.20 3.10
N ALA A 26 1.35 -9.15 2.80
CA ALA A 26 1.99 -7.81 2.71
C ALA A 26 2.58 -7.39 4.06
N VAL A 27 1.86 -7.63 5.16
CA VAL A 27 2.37 -7.27 6.50
C VAL A 27 3.64 -8.09 6.81
N ASN A 28 3.60 -9.41 6.50
CA ASN A 28 4.81 -10.22 6.71
C ASN A 28 5.99 -9.71 5.90
N ARG A 29 5.74 -9.27 4.66
CA ARG A 29 6.83 -8.74 3.83
C ARG A 29 7.39 -7.43 4.43
N MET A 30 6.52 -6.60 4.99
CA MET A 30 7.02 -5.37 5.66
C MET A 30 7.91 -5.72 6.84
N ILE A 31 7.46 -6.67 7.66
CA ILE A 31 8.21 -7.13 8.84
C ILE A 31 9.54 -7.78 8.42
N GLU A 32 9.50 -8.61 7.36
CA GLU A 32 10.72 -9.21 6.83
C GLU A 32 11.72 -8.17 6.34
N ASN A 33 11.19 -7.03 5.86
CA ASN A 33 12.05 -5.95 5.38
C ASN A 33 12.40 -4.93 6.45
N GLU A 34 12.03 -5.25 7.69
CA GLU A 34 12.34 -4.45 8.88
C GLU A 34 11.87 -2.99 8.73
N VAL A 35 10.63 -2.83 8.26
CA VAL A 35 10.01 -1.51 8.15
C VAL A 35 9.68 -0.96 9.55
N GLN A 36 10.28 0.17 9.88
CA GLN A 36 10.29 0.73 11.23
C GLN A 36 9.22 1.78 11.44
N GLY A 37 8.93 2.05 12.72
CA GLY A 37 8.04 3.13 13.10
C GLY A 37 6.56 2.96 12.97
N VAL A 38 6.10 1.74 12.67
CA VAL A 38 4.67 1.52 12.53
C VAL A 38 4.26 0.32 13.43
N GLU A 39 3.01 0.31 13.87
CA GLU A 39 2.48 -0.82 14.62
C GLU A 39 1.73 -1.69 13.63
N TYR A 40 1.98 -3.00 13.64
CA TYR A 40 1.28 -3.89 12.71
C TYR A 40 0.14 -4.61 13.38
N ILE A 41 -0.97 -4.75 12.65
CA ILE A 41 -2.11 -5.48 13.20
C ILE A 41 -2.60 -6.41 12.09
N ALA A 42 -2.55 -7.73 12.32
CA ALA A 42 -3.06 -8.66 11.31
C ALA A 42 -4.50 -9.00 11.67
N VAL A 43 -5.40 -8.87 10.70
CA VAL A 43 -6.82 -9.10 10.96
C VAL A 43 -7.33 -10.18 10.00
N ASN A 44 -8.00 -11.21 10.50
CA ASN A 44 -8.40 -12.27 9.57
C ASN A 44 -9.50 -13.10 10.20
N THR A 45 -10.30 -13.65 9.32
CA THR A 45 -11.31 -14.65 9.69
C THR A 45 -10.68 -16.07 9.68
N ASP A 46 -9.56 -16.23 8.94
CA ASP A 46 -8.92 -17.55 8.75
C ASP A 46 -7.85 -17.72 9.83
N ALA A 47 -8.11 -18.60 10.80
CA ALA A 47 -7.23 -18.76 11.96
C ALA A 47 -5.89 -19.39 11.53
N GLN A 48 -5.86 -20.26 10.52
CA GLN A 48 -4.59 -20.91 10.13
C GLN A 48 -3.67 -19.85 9.54
N ALA A 49 -4.21 -19.04 8.64
CA ALA A 49 -3.42 -17.98 8.00
C ALA A 49 -2.98 -16.96 9.06
N LEU A 50 -3.92 -16.59 9.94
CA LEU A 50 -3.60 -15.64 11.00
C LEU A 50 -2.45 -16.11 11.86
N ASN A 51 -2.39 -17.42 12.12
CA ASN A 51 -1.31 -17.97 12.93
C ASN A 51 0.06 -18.00 12.26
N LEU A 52 0.10 -17.73 10.97
CA LEU A 52 1.37 -17.52 10.26
C LEU A 52 1.76 -16.04 10.20
N SER A 53 0.92 -15.16 10.73
CA SER A 53 1.33 -13.74 10.77
C SER A 53 2.58 -13.52 11.63
N LYS A 54 3.49 -12.67 11.13
CA LYS A 54 4.64 -12.20 11.93
C LYS A 54 4.31 -10.97 12.83
N ALA A 55 3.06 -10.48 12.78
CA ALA A 55 2.63 -9.31 13.57
C ALA A 55 2.49 -9.76 15.04
N GLU A 56 2.87 -8.92 16.00
CA GLU A 56 2.58 -9.34 17.38
C GLU A 56 1.08 -9.28 17.71
N VAL A 57 0.38 -8.29 17.16
CA VAL A 57 -1.07 -8.21 17.33
C VAL A 57 -1.80 -8.95 16.21
N LYS A 58 -2.47 -10.03 16.61
CA LYS A 58 -3.21 -10.87 15.68
C LYS A 58 -4.68 -10.81 16.10
N MET A 59 -5.53 -10.25 15.25
CA MET A 59 -6.92 -10.08 15.60
C MET A 59 -7.82 -11.00 14.80
N GLN A 60 -8.34 -12.03 15.45
CA GLN A 60 -9.30 -12.88 14.76
C GLN A 60 -10.66 -12.19 14.74
N ILE A 61 -11.24 -12.00 13.56
CA ILE A 61 -12.61 -11.46 13.46
C ILE A 61 -13.61 -12.50 12.98
N GLY A 62 -14.88 -12.31 13.29
CA GLY A 62 -15.89 -13.27 12.88
C GLY A 62 -15.68 -14.68 13.45
N ALA A 63 -15.16 -14.77 14.67
CA ALA A 63 -14.99 -16.10 15.33
C ALA A 63 -16.30 -16.87 15.42
N LYS A 64 -17.37 -16.19 15.85
CA LYS A 64 -18.68 -16.86 15.88
C LYS A 64 -19.22 -17.22 14.50
N LEU A 65 -19.11 -16.28 13.55
CA LEU A 65 -19.71 -16.46 12.26
C LEU A 65 -18.99 -17.55 11.46
N THR A 66 -17.64 -17.50 11.48
CA THR A 66 -16.88 -18.36 10.59
C THR A 66 -16.08 -19.46 11.29
N ARG A 67 -15.98 -19.38 12.62
CA ARG A 67 -15.35 -20.45 13.44
C ARG A 67 -13.88 -20.68 13.00
N GLY A 68 -13.23 -19.60 12.59
CA GLY A 68 -11.80 -19.68 12.18
C GLY A 68 -11.54 -20.18 10.78
N LEU A 69 -12.60 -20.39 10.00
CA LEU A 69 -12.49 -21.06 8.70
C LEU A 69 -12.38 -20.14 7.50
N GLY A 70 -12.36 -18.83 7.71
CA GLY A 70 -12.24 -17.96 6.53
C GLY A 70 -13.63 -17.62 5.98
N ALA A 71 -13.68 -16.72 5.00
CA ALA A 71 -14.97 -16.21 4.53
C ALA A 71 -15.46 -16.90 3.26
N GLY A 72 -14.70 -17.91 2.81
CA GLY A 72 -15.10 -18.64 1.61
C GLY A 72 -15.32 -17.84 0.34
N ALA A 73 -14.48 -16.83 0.12
CA ALA A 73 -14.56 -15.94 -1.05
C ALA A 73 -15.88 -15.21 -1.12
N ASN A 74 -16.56 -15.05 0.02
CA ASN A 74 -17.86 -14.35 0.06
C ASN A 74 -17.75 -13.00 0.77
N PRO A 75 -17.80 -11.90 0.01
CA PRO A 75 -17.63 -10.58 0.61
C PRO A 75 -18.64 -10.24 1.71
N GLU A 76 -19.86 -10.76 1.58
CA GLU A 76 -20.85 -10.53 2.61
C GLU A 76 -20.45 -11.12 3.96
N VAL A 77 -19.85 -12.31 3.93
CA VAL A 77 -19.32 -12.95 5.14
C VAL A 77 -18.15 -12.14 5.70
N GLY A 78 -17.24 -11.66 4.83
CA GLY A 78 -16.14 -10.78 5.31
C GLY A 78 -16.70 -9.55 6.03
N LYS A 79 -17.73 -8.96 5.41
CA LYS A 79 -18.33 -7.72 5.94
C LYS A 79 -18.97 -7.99 7.30
N LYS A 80 -19.73 -9.08 7.37
CA LYS A 80 -20.43 -9.42 8.61
C LYS A 80 -19.47 -9.88 9.71
N ALA A 81 -18.37 -10.51 9.32
CA ALA A 81 -17.29 -10.79 10.30
C ALA A 81 -16.72 -9.51 10.96
N ALA A 82 -16.45 -8.49 10.15
CA ALA A 82 -15.91 -7.23 10.65
C ALA A 82 -17.00 -6.56 11.53
N GLU A 83 -18.25 -6.63 11.07
CA GLU A 83 -19.41 -6.10 11.86
C GLU A 83 -19.49 -6.80 13.21
N GLU A 84 -19.36 -8.13 13.23
CA GLU A 84 -19.31 -8.88 14.51
C GLU A 84 -18.24 -8.32 15.49
N SER A 85 -17.09 -7.95 14.94
CA SER A 85 -15.94 -7.61 15.74
C SER A 85 -15.69 -6.08 15.81
N LYS A 86 -16.73 -5.29 15.48
CA LYS A 86 -16.49 -3.85 15.29
C LYS A 86 -15.97 -3.15 16.57
N GLU A 87 -16.43 -3.61 17.73
CA GLU A 87 -15.97 -3.06 19.01
C GLU A 87 -14.49 -3.27 19.19
N GLN A 88 -14.00 -4.50 18.93
CA GLN A 88 -12.60 -4.83 19.02
C GLN A 88 -11.76 -4.08 17.98
N ILE A 89 -12.31 -3.90 16.78
CA ILE A 89 -11.58 -3.21 15.72
C ILE A 89 -11.41 -1.73 16.16
N GLU A 90 -12.52 -1.13 16.57
CA GLU A 90 -12.49 0.27 17.02
C GLU A 90 -11.45 0.47 18.13
N GLU A 91 -11.43 -0.42 19.12
CA GLU A 91 -10.47 -0.33 20.22
C GLU A 91 -9.00 -0.48 19.81
N ALA A 92 -8.74 -1.35 18.83
CA ALA A 92 -7.39 -1.53 18.33
C ALA A 92 -6.87 -0.32 17.57
N LEU A 93 -7.77 0.42 16.94
CA LEU A 93 -7.42 1.54 16.03
C LEU A 93 -7.35 2.89 16.75
N LYS A 94 -8.07 3.00 17.87
CA LYS A 94 -8.05 4.22 18.70
C LYS A 94 -6.62 4.75 18.93
N GLY A 95 -6.42 6.05 18.75
CA GLY A 95 -5.13 6.66 18.95
C GLY A 95 -4.20 6.83 17.76
N ALA A 96 -4.52 6.15 16.65
CA ALA A 96 -3.70 6.29 15.44
C ALA A 96 -3.97 7.62 14.73
N ASP A 97 -2.88 8.29 14.35
CA ASP A 97 -2.93 9.48 13.48
C ASP A 97 -3.15 9.02 12.06
N MET A 98 -2.62 7.85 11.71
CA MET A 98 -2.73 7.39 10.33
C MET A 98 -2.91 5.87 10.36
N VAL A 99 -3.75 5.36 9.46
CA VAL A 99 -3.98 3.90 9.40
C VAL A 99 -3.85 3.50 7.93
N PHE A 100 -2.94 2.56 7.63
CA PHE A 100 -2.92 1.90 6.30
C PHE A 100 -3.75 0.63 6.40
N VAL A 101 -4.64 0.44 5.44
CA VAL A 101 -5.47 -0.78 5.41
C VAL A 101 -5.05 -1.49 4.13
N THR A 102 -4.48 -2.68 4.28
CA THR A 102 -3.92 -3.40 3.12
C THR A 102 -4.67 -4.71 2.91
N ALA A 103 -5.00 -5.01 1.68
CA ALA A 103 -5.81 -6.19 1.43
C ALA A 103 -5.74 -6.54 -0.05
N GLY A 104 -6.04 -7.80 -0.35
CA GLY A 104 -6.26 -8.20 -1.75
C GLY A 104 -7.75 -8.13 -2.01
N MET A 105 -8.11 -7.52 -3.13
CA MET A 105 -9.53 -7.45 -3.47
C MET A 105 -9.93 -8.67 -4.30
N GLY A 106 -11.16 -9.14 -4.12
CA GLY A 106 -11.68 -10.21 -4.98
C GLY A 106 -12.19 -11.39 -4.16
N GLY A 107 -11.63 -11.59 -2.96
CA GLY A 107 -11.98 -12.69 -2.06
C GLY A 107 -13.08 -12.26 -1.09
N GLY A 108 -13.19 -12.93 0.04
CA GLY A 108 -14.26 -12.61 0.99
C GLY A 108 -13.84 -11.64 2.08
N THR A 109 -12.74 -11.96 2.77
CA THR A 109 -12.32 -11.16 3.91
C THR A 109 -11.69 -9.82 3.51
N GLY A 110 -10.79 -9.80 2.54
CA GLY A 110 -10.28 -8.51 2.01
C GLY A 110 -11.41 -7.64 1.49
N THR A 111 -12.16 -8.19 0.55
CA THR A 111 -13.23 -7.44 -0.12
C THR A 111 -14.26 -6.91 0.85
N GLY A 112 -14.71 -7.76 1.79
CA GLY A 112 -15.81 -7.40 2.65
C GLY A 112 -15.40 -6.70 3.95
N ALA A 113 -14.32 -7.18 4.57
CA ALA A 113 -13.92 -6.61 5.86
C ALA A 113 -13.12 -5.31 5.74
N ALA A 114 -12.29 -5.19 4.72
CA ALA A 114 -11.38 -4.05 4.62
C ALA A 114 -12.12 -2.69 4.61
N PRO A 115 -13.25 -2.59 3.87
CA PRO A 115 -14.04 -1.33 3.92
C PRO A 115 -14.58 -1.01 5.27
N VAL A 116 -15.05 -2.03 6.00
CA VAL A 116 -15.59 -1.81 7.35
C VAL A 116 -14.51 -1.28 8.29
N ILE A 117 -13.33 -1.92 8.26
CA ILE A 117 -12.19 -1.52 9.05
C ILE A 117 -11.72 -0.11 8.69
N ALA A 118 -11.59 0.16 7.40
CA ALA A 118 -11.16 1.50 6.92
C ALA A 118 -12.14 2.57 7.41
N GLN A 119 -13.42 2.29 7.29
CA GLN A 119 -14.48 3.28 7.72
C GLN A 119 -14.38 3.55 9.21
N ILE A 120 -14.07 2.51 10.00
CA ILE A 120 -13.88 2.69 11.43
C ILE A 120 -12.70 3.63 11.72
N ALA A 121 -11.59 3.39 11.01
CA ALA A 121 -10.40 4.23 11.14
C ALA A 121 -10.74 5.67 10.75
N LYS A 122 -11.45 5.84 9.64
CA LYS A 122 -11.73 7.19 9.12
C LYS A 122 -12.68 7.92 10.11
N ASP A 123 -13.69 7.21 10.60
CA ASP A 123 -14.62 7.79 11.61
C ASP A 123 -13.92 8.19 12.92
N LEU A 124 -12.85 7.47 13.31
CA LEU A 124 -12.00 7.85 14.46
C LEU A 124 -11.12 9.10 14.23
N GLY A 125 -11.02 9.51 12.99
CA GLY A 125 -10.25 10.69 12.64
C GLY A 125 -8.87 10.41 12.10
N ALA A 126 -8.51 9.13 11.97
CA ALA A 126 -7.21 8.79 11.39
C ALA A 126 -7.14 9.11 9.89
N LEU A 127 -5.99 9.57 9.41
CA LEU A 127 -5.79 9.69 7.97
C LEU A 127 -5.73 8.21 7.47
N THR A 128 -6.62 7.86 6.57
CA THR A 128 -6.85 6.43 6.27
C THR A 128 -6.45 6.21 4.81
N VAL A 129 -5.47 5.33 4.58
CA VAL A 129 -4.99 5.10 3.21
C VAL A 129 -5.14 3.61 2.95
N GLY A 130 -5.93 3.23 1.93
CA GLY A 130 -6.06 1.81 1.55
C GLY A 130 -4.98 1.51 0.52
N VAL A 131 -4.36 0.31 0.58
CA VAL A 131 -3.39 -0.08 -0.46
C VAL A 131 -3.82 -1.50 -0.79
N VAL A 132 -4.39 -1.67 -1.98
CA VAL A 132 -5.04 -2.95 -2.30
C VAL A 132 -4.64 -3.44 -3.69
N THR A 133 -4.68 -4.75 -3.89
CA THR A 133 -4.46 -5.29 -5.25
C THR A 133 -5.80 -5.57 -5.93
N ARG A 134 -5.83 -5.34 -7.25
CA ARG A 134 -6.91 -5.82 -8.12
C ARG A 134 -6.39 -7.14 -8.70
N PRO A 135 -7.23 -8.18 -8.67
CA PRO A 135 -6.74 -9.54 -9.02
C PRO A 135 -6.25 -9.68 -10.44
N PHE A 136 -5.39 -10.69 -10.66
CA PHE A 136 -4.94 -11.05 -11.98
C PHE A 136 -6.16 -11.52 -12.78
N THR A 137 -6.19 -11.21 -14.07
CA THR A 137 -7.29 -11.67 -14.94
C THR A 137 -7.41 -13.20 -14.85
N PHE A 138 -6.28 -13.91 -14.77
CA PHE A 138 -6.32 -15.39 -14.69
C PHE A 138 -7.09 -15.92 -13.49
N GLU A 139 -7.34 -15.06 -12.48
CA GLU A 139 -8.14 -15.47 -11.31
C GLU A 139 -9.64 -15.65 -11.63
N GLY A 140 -10.04 -15.15 -12.78
CA GLY A 140 -11.39 -15.36 -13.28
C GLY A 140 -12.41 -14.29 -12.97
N ARG A 141 -13.59 -14.51 -13.53
CA ARG A 141 -14.66 -13.53 -13.53
C ARG A 141 -15.24 -13.25 -12.15
N LYS A 142 -15.49 -14.29 -11.34
CA LYS A 142 -16.06 -14.07 -10.01
C LYS A 142 -15.12 -13.11 -9.23
N ARG A 143 -13.83 -13.39 -9.29
CA ARG A 143 -12.84 -12.58 -8.54
C ARG A 143 -12.83 -11.14 -9.05
N GLN A 144 -12.87 -10.97 -10.37
CA GLN A 144 -12.87 -9.64 -10.96
C GLN A 144 -14.08 -8.83 -10.53
N LEU A 145 -15.25 -9.45 -10.60
CA LEU A 145 -16.49 -8.76 -10.25
C LEU A 145 -16.52 -8.40 -8.77
N GLN A 146 -16.09 -9.35 -7.94
CA GLN A 146 -16.13 -9.09 -6.49
C GLN A 146 -15.11 -8.00 -6.16
N ALA A 147 -13.97 -8.01 -6.85
CA ALA A 147 -12.94 -6.97 -6.60
C ALA A 147 -13.47 -5.60 -6.98
N ALA A 148 -14.21 -5.52 -8.07
CA ALA A 148 -14.79 -4.21 -8.46
C ALA A 148 -15.71 -3.66 -7.36
N GLY A 149 -16.55 -4.51 -6.77
CA GLY A 149 -17.39 -4.16 -5.63
C GLY A 149 -16.58 -3.72 -4.42
N GLY A 150 -15.50 -4.43 -4.13
CA GLY A 150 -14.66 -4.08 -2.98
C GLY A 150 -13.99 -2.73 -3.19
N ILE A 151 -13.51 -2.49 -4.40
CA ILE A 151 -12.80 -1.23 -4.71
C ILE A 151 -13.76 -0.03 -4.52
N SER A 152 -14.97 -0.17 -5.02
CA SER A 152 -16.01 0.87 -4.85
C SER A 152 -16.29 1.11 -3.36
N ALA A 153 -16.42 0.03 -2.59
CA ALA A 153 -16.64 0.17 -1.15
C ALA A 153 -15.45 0.80 -0.47
N MET A 154 -14.24 0.41 -0.90
CA MET A 154 -13.01 0.90 -0.29
C MET A 154 -12.90 2.39 -0.51
N LYS A 155 -13.24 2.84 -1.72
CA LYS A 155 -13.11 4.26 -2.08
C LYS A 155 -13.96 5.14 -1.16
N GLU A 156 -15.16 4.66 -0.80
CA GLU A 156 -16.04 5.38 0.14
C GLU A 156 -15.48 5.47 1.54
N ALA A 157 -14.66 4.49 1.92
CA ALA A 157 -14.25 4.28 3.29
C ALA A 157 -12.89 4.84 3.66
N VAL A 158 -12.12 5.30 2.65
CA VAL A 158 -10.77 5.79 2.90
C VAL A 158 -10.62 7.23 2.45
N ASP A 159 -9.51 7.84 2.84
CA ASP A 159 -9.12 9.14 2.29
C ASP A 159 -8.50 8.97 0.90
N THR A 160 -7.58 8.01 0.76
CA THR A 160 -6.94 7.69 -0.53
C THR A 160 -6.89 6.17 -0.67
N LEU A 161 -7.28 5.67 -1.84
CA LEU A 161 -7.13 4.21 -2.15
C LEU A 161 -6.11 4.10 -3.26
N ILE A 162 -5.01 3.41 -2.96
CA ILE A 162 -3.98 3.13 -3.95
C ILE A 162 -4.32 1.73 -4.47
N VAL A 163 -4.55 1.62 -5.78
CA VAL A 163 -4.90 0.33 -6.39
C VAL A 163 -3.76 -0.20 -7.23
N ILE A 164 -3.36 -1.44 -6.96
CA ILE A 164 -2.24 -2.10 -7.64
C ILE A 164 -2.87 -3.06 -8.64
N PRO A 165 -2.73 -2.80 -9.95
CA PRO A 165 -3.32 -3.70 -10.95
C PRO A 165 -2.43 -4.93 -11.14
N ASN A 166 -2.83 -6.07 -10.56
CA ASN A 166 -1.91 -7.24 -10.59
C ASN A 166 -1.50 -7.66 -12.02
N ASP A 167 -2.38 -7.48 -13.01
CA ASP A 167 -2.01 -7.86 -14.39
C ASP A 167 -0.72 -7.15 -14.85
N ARG A 168 -0.52 -5.93 -14.34
CA ARG A 168 0.66 -5.18 -14.74
C ARG A 168 1.95 -5.77 -14.21
N ILE A 169 1.88 -6.52 -13.11
CA ILE A 169 3.04 -7.21 -12.59
C ILE A 169 3.56 -8.20 -13.65
N LEU A 170 2.64 -8.77 -14.40
CA LEU A 170 3.02 -9.75 -15.44
C LEU A 170 3.84 -9.12 -16.55
N GLU A 171 3.65 -7.82 -16.78
CA GLU A 171 4.50 -7.06 -17.71
C GLU A 171 5.91 -6.80 -17.16
N ILE A 172 6.06 -6.87 -15.85
CA ILE A 172 7.30 -6.53 -15.17
C ILE A 172 8.20 -7.74 -14.96
N VAL A 173 7.64 -8.82 -14.43
CA VAL A 173 8.43 -10.03 -14.17
C VAL A 173 8.83 -10.72 -15.49
N ASP A 174 9.84 -11.59 -15.43
CA ASP A 174 10.24 -12.40 -16.60
C ASP A 174 9.08 -13.18 -17.19
N LYS A 175 9.11 -13.41 -18.51
CA LYS A 175 7.96 -14.03 -19.23
C LYS A 175 7.50 -15.43 -18.78
N ASN A 176 8.40 -16.22 -18.21
CA ASN A 176 8.06 -17.58 -17.77
C ASN A 176 7.98 -17.70 -16.25
N THR A 177 7.70 -16.59 -15.59
CA THR A 177 7.57 -16.60 -14.13
C THR A 177 6.38 -17.48 -13.73
N PRO A 178 6.58 -18.45 -12.84
CA PRO A 178 5.46 -19.27 -12.36
C PRO A 178 4.41 -18.43 -11.63
N MET A 179 3.16 -18.90 -11.69
CA MET A 179 2.05 -18.24 -11.00
C MET A 179 2.35 -17.95 -9.52
N LEU A 180 2.93 -18.92 -8.80
CA LEU A 180 3.22 -18.70 -7.37
C LEU A 180 4.11 -17.46 -7.17
N GLU A 181 5.08 -17.28 -8.06
CA GLU A 181 6.01 -16.14 -7.95
C GLU A 181 5.36 -14.82 -8.36
N ALA A 182 4.39 -14.88 -9.26
CA ALA A 182 3.65 -13.66 -9.60
C ALA A 182 2.88 -13.17 -8.37
N PHE A 183 2.24 -14.11 -7.68
CA PHE A 183 1.51 -13.75 -6.43
C PHE A 183 2.47 -13.16 -5.41
N ARG A 184 3.64 -13.77 -5.27
CA ARG A 184 4.66 -13.31 -4.31
C ARG A 184 5.07 -11.87 -4.64
N GLU A 185 5.17 -11.57 -5.92
CA GLU A 185 5.53 -10.20 -6.32
C GLU A 185 4.43 -9.19 -5.99
N ALA A 186 3.15 -9.59 -6.11
CA ALA A 186 2.04 -8.72 -5.69
C ALA A 186 2.18 -8.34 -4.23
N ASP A 187 2.54 -9.33 -3.38
CA ASP A 187 2.76 -9.08 -1.94
C ASP A 187 3.83 -8.00 -1.76
N ASN A 188 4.92 -8.12 -2.53
CA ASN A 188 6.01 -7.16 -2.45
C ASN A 188 5.56 -5.77 -2.88
N VAL A 189 4.75 -5.68 -3.93
CA VAL A 189 4.28 -4.36 -4.39
C VAL A 189 3.44 -3.67 -3.30
N LEU A 190 2.54 -4.42 -2.65
CA LEU A 190 1.76 -3.85 -1.54
C LEU A 190 2.69 -3.31 -0.44
N ARG A 191 3.72 -4.08 -0.09
CA ARG A 191 4.69 -3.68 0.91
C ARG A 191 5.39 -2.38 0.47
N GLN A 192 5.74 -2.32 -0.81
CA GLN A 192 6.43 -1.12 -1.36
C GLN A 192 5.50 0.09 -1.32
N GLY A 193 4.22 -0.11 -1.55
CA GLY A 193 3.23 0.99 -1.53
C GLY A 193 3.16 1.60 -0.13
N VAL A 194 3.01 0.76 0.89
CA VAL A 194 2.91 1.27 2.25
C VAL A 194 4.26 1.90 2.70
N GLN A 195 5.35 1.16 2.52
CA GLN A 195 6.66 1.60 3.00
C GLN A 195 7.08 2.89 2.30
N GLY A 196 6.74 3.04 1.02
CA GLY A 196 7.03 4.31 0.28
C GLY A 196 6.54 5.54 1.03
N ILE A 197 5.36 5.44 1.63
CA ILE A 197 4.77 6.56 2.36
C ILE A 197 5.27 6.56 3.81
N SER A 198 5.15 5.40 4.50
CA SER A 198 5.42 5.38 5.94
C SER A 198 6.85 5.74 6.32
N ASP A 199 7.82 5.37 5.49
CA ASP A 199 9.26 5.62 5.77
C ASP A 199 9.55 7.12 5.83
N LEU A 200 8.67 7.93 5.24
CA LEU A 200 8.91 9.38 5.18
C LEU A 200 8.26 10.13 6.34
N ILE A 201 7.47 9.41 7.14
CA ILE A 201 6.76 10.05 8.24
C ILE A 201 6.85 9.32 9.57
N ALA A 202 7.20 8.04 9.54
CA ALA A 202 7.15 7.23 10.76
C ALA A 202 8.44 7.21 11.58
N THR A 203 9.55 7.58 10.95
CA THR A 203 10.86 7.50 11.61
C THR A 203 11.63 8.78 11.30
N PRO A 204 12.61 9.16 12.16
CA PRO A 204 13.40 10.37 11.84
C PRO A 204 14.15 10.27 10.51
N GLY A 205 14.37 11.41 9.86
CA GLY A 205 15.23 11.43 8.66
C GLY A 205 15.55 12.86 8.28
N LEU A 206 16.57 13.02 7.45
CA LEU A 206 17.02 14.37 7.05
C LEU A 206 15.98 15.09 6.21
N ILE A 207 15.49 14.40 5.18
CA ILE A 207 14.41 14.97 4.36
C ILE A 207 13.16 14.09 4.48
N ASN A 208 12.53 14.17 5.66
CA ASN A 208 11.21 13.57 5.91
C ASN A 208 10.11 14.41 5.24
N LEU A 209 8.87 13.92 5.30
CA LEU A 209 7.73 14.71 4.89
C LEU A 209 6.98 15.23 6.10
N ASP A 210 6.35 16.39 5.93
CA ASP A 210 5.44 16.94 6.92
C ASP A 210 4.14 16.15 6.90
N PHE A 211 3.71 15.61 8.04
CA PHE A 211 2.40 14.91 8.10
C PHE A 211 1.27 15.71 7.48
N ALA A 212 1.21 17.02 7.77
CA ALA A 212 0.14 17.83 7.21
C ALA A 212 0.15 17.83 5.69
N ASP A 213 1.33 17.75 5.12
CA ASP A 213 1.47 17.82 3.67
C ASP A 213 1.04 16.49 3.06
N VAL A 214 1.39 15.40 3.73
CA VAL A 214 0.93 14.05 3.33
C VAL A 214 -0.59 14.04 3.37
N LYS A 215 -1.15 14.58 4.46
CA LYS A 215 -2.60 14.59 4.59
C LYS A 215 -3.26 15.30 3.41
N THR A 216 -2.70 16.44 2.99
CA THR A 216 -3.29 17.19 1.89
C THR A 216 -3.32 16.38 0.56
N ILE A 217 -2.18 15.80 0.19
CA ILE A 217 -2.09 15.00 -1.05
C ILE A 217 -2.97 13.74 -0.97
N MET A 218 -3.14 13.23 0.25
CA MET A 218 -4.03 12.06 0.46
C MET A 218 -5.52 12.37 0.62
N SER A 219 -5.93 13.64 0.45
CA SER A 219 -7.31 14.02 0.59
C SER A 219 -8.03 14.23 -0.75
N ASN A 220 -7.32 14.00 -1.85
CA ASN A 220 -7.90 14.14 -3.17
C ASN A 220 -9.01 13.12 -3.40
N LYS A 221 -9.94 13.44 -4.30
CA LYS A 221 -10.96 12.45 -4.68
C LYS A 221 -10.40 11.58 -5.81
N GLY A 222 -11.25 10.80 -6.47
CA GLY A 222 -10.76 9.90 -7.54
C GLY A 222 -9.83 8.86 -6.95
N SER A 223 -9.07 8.17 -7.80
CA SER A 223 -8.22 7.12 -7.26
C SER A 223 -6.72 7.39 -7.39
N ALA A 224 -5.93 6.50 -6.81
CA ALA A 224 -4.51 6.71 -6.76
C ALA A 224 -3.80 5.49 -7.35
N LEU A 225 -2.56 5.71 -7.78
CA LEU A 225 -1.73 4.65 -8.36
C LEU A 225 -0.29 4.81 -7.91
N MET A 226 0.52 3.76 -8.10
CA MET A 226 1.90 3.80 -7.71
C MET A 226 2.81 3.29 -8.79
N GLY A 227 4.07 3.66 -8.68
CA GLY A 227 5.11 3.22 -9.59
C GLY A 227 6.41 3.07 -8.84
N ILE A 228 7.20 2.08 -9.26
CA ILE A 228 8.43 1.72 -8.57
C ILE A 228 9.54 1.58 -9.61
N GLY A 229 10.69 2.17 -9.30
CA GLY A 229 11.88 2.01 -10.12
C GLY A 229 13.09 1.72 -9.25
N ILE A 230 13.93 0.78 -9.70
CA ILE A 230 15.13 0.39 -8.96
C ILE A 230 16.30 0.43 -9.95
N ALA A 231 17.44 0.96 -9.49
CA ALA A 231 18.64 1.05 -10.35
C ALA A 231 19.94 1.06 -9.54
N THR A 232 21.02 0.59 -10.17
CA THR A 232 22.36 0.59 -9.55
C THR A 232 23.37 1.35 -10.37
N GLY A 233 24.49 1.68 -9.74
CA GLY A 233 25.64 2.23 -10.42
C GLY A 233 25.47 3.63 -10.96
N GLU A 234 26.20 3.90 -12.04
CA GLU A 234 26.28 5.25 -12.57
C GLU A 234 24.94 5.57 -13.19
N ASN A 235 24.47 6.79 -12.93
CA ASN A 235 23.19 7.27 -13.44
C ASN A 235 21.95 6.65 -12.73
N ARG A 236 22.18 6.00 -11.60
CA ARG A 236 21.12 5.32 -10.83
C ARG A 236 19.92 6.22 -10.47
N ALA A 237 20.18 7.44 -10.03
CA ALA A 237 19.07 8.30 -9.57
C ALA A 237 18.14 8.58 -10.73
N ALA A 238 18.70 8.94 -11.89
CA ALA A 238 17.87 9.26 -13.04
C ALA A 238 17.20 8.00 -13.60
N GLU A 239 17.95 6.91 -13.63
CA GLU A 239 17.42 5.66 -14.17
C GLU A 239 16.23 5.16 -13.32
N ALA A 240 16.40 5.15 -11.99
CA ALA A 240 15.34 4.71 -11.06
C ALA A 240 14.10 5.59 -11.18
N ALA A 241 14.29 6.90 -11.18
CA ALA A 241 13.15 7.80 -11.34
C ALA A 241 12.40 7.61 -12.63
N LYS A 242 13.13 7.45 -13.73
CA LYS A 242 12.50 7.19 -15.03
C LYS A 242 11.72 5.88 -15.05
N LYS A 243 12.29 4.86 -14.44
CA LYS A 243 11.61 3.56 -14.28
C LYS A 243 10.34 3.71 -13.44
N ALA A 244 10.41 4.45 -12.33
CA ALA A 244 9.20 4.72 -11.55
C ALA A 244 8.08 5.37 -12.34
N ILE A 245 8.36 6.45 -13.07
CA ILE A 245 7.28 7.13 -13.76
C ILE A 245 6.77 6.34 -14.99
N SER A 246 7.61 5.44 -15.52
CA SER A 246 7.17 4.62 -16.64
C SER A 246 6.70 3.23 -16.20
N SER A 247 6.62 3.00 -14.87
CA SER A 247 6.20 1.70 -14.35
C SER A 247 4.87 1.26 -14.93
N PRO A 248 4.76 -0.02 -15.39
CA PRO A 248 3.43 -0.51 -15.82
C PRO A 248 2.38 -0.42 -14.73
N LEU A 249 2.79 -0.41 -13.46
CA LEU A 249 1.87 -0.26 -12.30
C LEU A 249 1.13 1.08 -12.28
N LEU A 250 1.83 2.10 -12.79
CA LEU A 250 1.27 3.43 -12.85
C LEU A 250 0.58 3.52 -14.20
N GLU A 251 -0.63 2.98 -14.25
CA GLU A 251 -1.31 2.67 -15.51
C GLU A 251 -2.17 3.81 -16.01
N ALA A 252 -1.78 5.03 -15.62
CA ALA A 252 -2.27 6.28 -16.22
C ALA A 252 -1.10 7.28 -16.32
N ALA A 253 -1.21 8.24 -17.23
CA ALA A 253 -0.13 9.21 -17.41
C ALA A 253 -0.03 10.01 -16.12
N ILE A 254 1.16 10.09 -15.54
CA ILE A 254 1.37 10.78 -14.26
C ILE A 254 0.96 12.25 -14.35
N ASP A 255 0.98 12.80 -15.56
CA ASP A 255 0.56 14.19 -15.71
C ASP A 255 -0.94 14.40 -15.51
N GLY A 256 -1.67 13.30 -15.33
CA GLY A 256 -3.09 13.38 -14.99
C GLY A 256 -3.35 13.56 -13.49
N ALA A 257 -2.33 13.38 -12.66
CA ALA A 257 -2.52 13.37 -11.20
C ALA A 257 -2.64 14.80 -10.62
N GLN A 258 -3.45 14.95 -9.56
CA GLN A 258 -3.53 16.23 -8.82
C GLN A 258 -2.42 16.35 -7.79
N GLY A 259 -2.01 15.21 -7.22
CA GLY A 259 -0.96 15.18 -6.20
C GLY A 259 0.06 14.09 -6.50
N VAL A 260 1.32 14.34 -6.17
CA VAL A 260 2.38 13.36 -6.34
C VAL A 260 3.27 13.33 -5.10
N LEU A 261 3.52 12.11 -4.61
CA LEU A 261 4.46 11.91 -3.52
C LEU A 261 5.59 11.04 -4.07
N MET A 262 6.83 11.49 -3.91
CA MET A 262 8.00 10.71 -4.30
C MET A 262 8.91 10.38 -3.11
N ASN A 263 9.26 9.10 -3.01
CA ASN A 263 10.23 8.59 -2.08
C ASN A 263 11.46 8.09 -2.86
N ILE A 264 12.63 8.64 -2.55
CA ILE A 264 13.88 8.05 -2.99
C ILE A 264 14.65 7.47 -1.81
N THR A 265 14.93 6.17 -1.88
CA THR A 265 15.64 5.49 -0.81
C THR A 265 16.96 4.96 -1.38
N GLY A 266 18.02 5.13 -0.59
CA GLY A 266 19.34 4.66 -0.99
C GLY A 266 20.18 4.37 0.22
N GLY A 267 21.42 3.98 -0.01
CA GLY A 267 22.30 3.66 1.11
C GLY A 267 22.93 4.93 1.63
N THR A 268 23.93 4.79 2.48
CA THR A 268 24.61 5.97 3.06
C THR A 268 25.33 6.83 2.00
N ASN A 269 25.52 6.29 0.80
CA ASN A 269 26.14 7.08 -0.25
C ASN A 269 25.16 7.91 -1.07
N LEU A 270 23.88 7.95 -0.66
CA LEU A 270 22.88 8.68 -1.44
C LEU A 270 23.16 10.17 -1.28
N SER A 271 23.30 10.88 -2.38
CA SER A 271 23.74 12.28 -2.34
C SER A 271 22.60 13.25 -2.55
N LEU A 272 22.80 14.49 -2.10
CA LEU A 272 21.85 15.55 -2.38
C LEU A 272 21.60 15.69 -3.86
N TYR A 273 22.67 15.56 -4.64
CA TYR A 273 22.59 15.78 -6.06
C TYR A 273 21.63 14.75 -6.69
N GLU A 274 21.75 13.50 -6.23
CA GLU A 274 20.91 12.37 -6.70
C GLU A 274 19.45 12.57 -6.34
N VAL A 275 19.19 12.99 -5.10
CA VAL A 275 17.81 13.24 -4.68
C VAL A 275 17.16 14.31 -5.57
N GLN A 276 17.89 15.41 -5.78
CA GLN A 276 17.40 16.46 -6.65
C GLN A 276 17.17 15.98 -8.07
N GLU A 277 18.10 15.18 -8.59
CA GLU A 277 18.00 14.69 -9.97
C GLU A 277 16.70 13.87 -10.14
N ALA A 278 16.48 12.95 -9.20
CA ALA A 278 15.26 12.15 -9.20
C ALA A 278 14.01 13.02 -9.10
N ALA A 279 13.99 13.97 -8.15
CA ALA A 279 12.84 14.83 -7.96
C ALA A 279 12.52 15.64 -9.24
N ASP A 280 13.57 16.15 -9.89
CA ASP A 280 13.40 16.92 -11.10
C ASP A 280 12.74 16.12 -12.23
N ILE A 281 13.11 14.85 -12.32
CA ILE A 281 12.51 13.95 -13.34
C ILE A 281 11.00 13.76 -13.09
N VAL A 282 10.65 13.49 -11.84
CA VAL A 282 9.25 13.26 -11.49
C VAL A 282 8.43 14.52 -11.67
N ALA A 283 8.97 15.66 -11.26
CA ALA A 283 8.30 16.97 -11.40
C ALA A 283 8.05 17.32 -12.85
N SER A 284 9.08 17.11 -13.67
CA SER A 284 9.01 17.37 -15.10
C SER A 284 7.94 16.54 -15.80
N ALA A 285 7.79 15.28 -15.38
CA ALA A 285 6.79 14.37 -15.95
C ALA A 285 5.38 14.69 -15.50
N SER A 286 5.26 15.36 -14.36
CA SER A 286 3.95 15.66 -13.75
C SER A 286 3.36 16.95 -14.33
N ASP A 287 2.07 17.19 -14.08
CA ASP A 287 1.40 18.42 -14.51
C ASP A 287 2.10 19.66 -13.92
N GLN A 288 2.10 20.77 -14.66
CA GLN A 288 2.70 22.00 -14.16
C GLN A 288 2.11 22.46 -12.84
N ASP A 289 0.82 22.22 -12.64
CA ASP A 289 0.12 22.67 -11.43
C ASP A 289 -0.05 21.57 -10.38
N VAL A 290 0.69 20.48 -10.53
CA VAL A 290 0.67 19.36 -9.56
C VAL A 290 1.12 19.83 -8.16
N ASN A 291 0.51 19.26 -7.12
CA ASN A 291 1.02 19.44 -5.77
C ASN A 291 1.93 18.27 -5.53
N MET A 292 3.23 18.50 -5.59
CA MET A 292 4.20 17.42 -5.45
C MET A 292 5.03 17.59 -4.20
N ILE A 293 5.18 16.51 -3.45
CA ILE A 293 6.06 16.52 -2.28
C ILE A 293 6.97 15.32 -2.37
N PHE A 294 8.14 15.43 -1.78
CA PHE A 294 9.09 14.34 -1.81
C PHE A 294 10.01 14.32 -0.62
N GLY A 295 10.57 13.15 -0.37
CA GLY A 295 11.52 12.94 0.69
C GLY A 295 12.51 11.86 0.34
N SER A 296 13.53 11.72 1.17
CA SER A 296 14.56 10.70 0.94
C SER A 296 14.80 9.90 2.22
N VAL A 297 15.21 8.65 2.04
CA VAL A 297 15.43 7.73 3.14
C VAL A 297 16.78 7.10 2.95
N ILE A 298 17.54 7.01 4.03
CA ILE A 298 18.77 6.21 3.98
C ILE A 298 18.44 4.84 4.57
N ASN A 299 18.65 3.79 3.78
CA ASN A 299 18.62 2.43 4.28
C ASN A 299 20.06 1.92 4.25
N GLU A 300 20.68 1.87 5.42
CA GLU A 300 22.09 1.47 5.53
C GLU A 300 22.35 0.02 5.06
N ASN A 301 21.28 -0.76 4.88
CA ASN A 301 21.39 -2.11 4.31
C ASN A 301 21.56 -2.13 2.80
N LEU A 302 21.28 -1.00 2.15
CA LEU A 302 21.50 -0.91 0.72
C LEU A 302 22.96 -0.57 0.49
N LYS A 303 23.46 -0.91 -0.69
CA LYS A 303 24.83 -0.58 -1.04
C LYS A 303 24.81 0.43 -2.17
N ASP A 304 24.65 -0.06 -3.39
CA ASP A 304 24.64 0.83 -4.53
C ASP A 304 23.30 0.93 -5.26
N GLU A 305 22.27 0.21 -4.79
CA GLU A 305 20.95 0.37 -5.40
C GLU A 305 20.21 1.56 -4.84
N ILE A 306 19.39 2.16 -5.67
CA ILE A 306 18.40 3.08 -5.15
C ILE A 306 17.02 2.66 -5.63
N VAL A 307 16.03 2.92 -4.78
CA VAL A 307 14.65 2.68 -5.10
C VAL A 307 13.91 4.02 -5.12
N VAL A 308 13.18 4.28 -6.20
CA VAL A 308 12.27 5.42 -6.27
C VAL A 308 10.82 4.93 -6.33
N THR A 309 10.00 5.40 -5.41
CA THR A 309 8.57 5.10 -5.39
C THR A 309 7.80 6.38 -5.60
N VAL A 310 6.81 6.33 -6.49
CA VAL A 310 5.95 7.45 -6.74
C VAL A 310 4.50 7.07 -6.45
N ILE A 311 3.78 7.90 -5.69
CA ILE A 311 2.37 7.68 -5.45
C ILE A 311 1.68 8.88 -6.08
N ALA A 312 0.72 8.61 -6.96
CA ALA A 312 0.06 9.70 -7.67
C ALA A 312 -1.42 9.67 -7.33
N THR A 313 -1.98 10.80 -6.88
CA THR A 313 -3.36 10.83 -6.39
C THR A 313 -4.23 11.79 -7.17
N GLY A 314 -5.55 11.62 -7.04
CA GLY A 314 -6.50 12.53 -7.65
C GLY A 314 -6.67 12.35 -9.15
N PHE A 315 -6.45 11.14 -9.64
CA PHE A 315 -6.76 10.85 -11.05
C PHE A 315 -8.27 10.93 -11.33
N ILE A 316 -8.62 11.63 -12.42
CA ILE A 316 -9.98 11.64 -12.99
C ILE A 316 -10.53 10.21 -13.17
C1 CIT B . -10.97 -17.76 1.25
O1 CIT B . -11.47 -18.52 2.11
O2 CIT B . -11.49 -17.74 0.08
C2 CIT B . -9.79 -16.85 1.59
C3 CIT B . -10.19 -15.41 1.32
O7 CIT B . -10.73 -15.32 -0.04
C4 CIT B . -8.98 -14.46 1.45
C5 CIT B . -9.30 -13.00 1.49
O3 CIT B . -10.44 -12.59 1.29
O4 CIT B . -8.43 -12.14 1.73
C6 CIT B . -11.40 -15.16 2.25
O5 CIT B . -12.50 -15.09 1.72
O6 CIT B . -11.33 -15.12 3.51
K K C . 12.48 8.45 7.93
#